data_3ZTY
#
_entry.id   3ZTY
#
_cell.length_a   39.692
_cell.length_b   70.835
_cell.length_c   92.735
_cell.angle_alpha   90.00
_cell.angle_beta   95.04
_cell.angle_gamma   90.00
#
_symmetry.space_group_name_H-M   'P 1 21 1'
#
loop_
_entity.id
_entity.type
_entity.pdbx_description
1 polymer 'MANNOSYL-3-PHOSPHOGLYCERATE PHOSPHATASE'
2 non-polymer 'GADOLINIUM ATOM'
3 non-polymer 'CHLORIDE ION'
4 water water
#
_entity_poly.entity_id   1
_entity_poly.type   'polypeptide(L)'
_entity_poly.pdbx_seq_one_letter_code
;MIVFTDLDGTLLDERGELGPAREALERLRALGVPVVPVTAKTRKEVEALGLEPPFIVENGGGLYLPRDWPVRAGRPKGGY
RVVSLAWPYRKVRARLREAEALAGRPILGYGDLTAEAVARLTGLSREAARRAKAREYDETLVLCPEEVEAVLEALEAVGL
EWTHGGRFYHAAKGADKGRAVARLRALWPDPEEARFAVGLGDSLNDLPLFRAVDLAVYVGRGDPPEGVLATPAPGPEGFR
YAVERYLLPRLSRRGGSGP
;
_entity_poly.pdbx_strand_id   A,B
#
# COMPACT_ATOMS: atom_id res chain seq x y z
N MET A 1 29.86 2.89 -32.87
CA MET A 1 29.76 2.92 -31.41
C MET A 1 28.40 3.41 -30.93
N ILE A 2 27.77 2.63 -30.05
CA ILE A 2 26.58 3.08 -29.33
C ILE A 2 26.83 3.03 -27.82
N VAL A 3 26.35 4.04 -27.11
CA VAL A 3 26.51 4.06 -25.66
C VAL A 3 25.19 3.79 -24.97
N PHE A 4 25.12 2.65 -24.28
CA PHE A 4 23.94 2.27 -23.53
C PHE A 4 24.18 2.59 -22.08
N THR A 5 23.23 3.26 -21.45
CA THR A 5 23.50 3.76 -20.12
C THR A 5 22.31 3.70 -19.16
N ASP A 6 22.58 3.19 -17.96
CA ASP A 6 21.70 3.36 -16.82
C ASP A 6 21.48 4.86 -16.56
N LEU A 7 20.41 5.19 -15.84
CA LEU A 7 20.14 6.59 -15.50
C LEU A 7 20.51 6.93 -14.05
N ASP A 8 19.60 6.61 -13.13
CA ASP A 8 19.77 6.89 -11.71
C ASP A 8 21.03 6.23 -11.22
N GLY A 9 21.92 7.02 -10.61
CA GLY A 9 23.15 6.48 -10.10
C GLY A 9 24.24 6.34 -11.15
N THR A 10 23.92 6.60 -12.41
CA THR A 10 24.87 6.41 -13.50
C THR A 10 25.07 7.70 -14.31
N LEU A 11 24.16 7.96 -15.24
CA LEU A 11 24.19 9.19 -16.01
C LEU A 11 23.74 10.36 -15.15
N LEU A 12 22.88 10.08 -14.18
CA LEU A 12 22.34 11.09 -13.29
C LEU A 12 22.54 10.64 -11.85
N ASP A 13 22.73 11.57 -10.92
CA ASP A 13 22.82 11.16 -9.52
C ASP A 13 21.45 10.76 -8.98
N GLU A 14 21.42 10.18 -7.77
CA GLU A 14 20.17 9.77 -7.11
C GLU A 14 19.24 10.98 -6.92
N ARG A 15 19.80 12.17 -7.15
CA ARG A 15 19.07 13.43 -7.07
C ARG A 15 18.48 13.84 -8.43
N GLY A 16 18.82 13.09 -9.49
CA GLY A 16 18.29 13.33 -10.82
C GLY A 16 19.04 14.31 -11.72
N GLU A 17 20.17 14.83 -11.25
CA GLU A 17 20.96 15.79 -12.02
C GLU A 17 22.14 15.19 -12.79
N LEU A 18 22.45 15.80 -13.94
CA LEU A 18 23.53 15.33 -14.79
C LEU A 18 24.93 15.67 -14.25
N GLY A 19 25.07 16.85 -13.63
CA GLY A 19 26.34 17.29 -13.09
C GLY A 19 27.49 17.29 -14.08
N PRO A 20 28.59 16.57 -13.74
CA PRO A 20 29.78 16.43 -14.58
C PRO A 20 29.51 15.65 -15.87
N ALA A 21 28.34 15.02 -15.96
CA ALA A 21 28.04 14.19 -17.12
C ALA A 21 27.41 14.96 -18.28
N ARG A 22 27.10 16.24 -18.07
CA ARG A 22 26.50 17.01 -19.17
C ARG A 22 27.53 17.24 -20.27
N GLU A 23 28.72 17.69 -19.88
CA GLU A 23 29.80 17.93 -20.83
C GLU A 23 30.15 16.63 -21.60
N ALA A 24 30.04 15.48 -20.95
CA ALA A 24 30.32 14.22 -21.61
C ALA A 24 29.26 13.94 -22.68
N LEU A 25 28.00 14.05 -22.29
CA LEU A 25 26.88 13.97 -23.23
C LEU A 25 27.09 14.95 -24.37
N GLU A 26 27.27 16.22 -24.04
CA GLU A 26 27.52 17.29 -25.00
C GLU A 26 28.57 16.87 -26.05
N ARG A 27 29.64 16.24 -25.62
CA ARG A 27 30.71 15.82 -26.53
C ARG A 27 30.31 14.58 -27.35
N LEU A 28 29.56 13.67 -26.74
CA LEU A 28 29.12 12.46 -27.40
C LEU A 28 28.27 12.82 -28.63
N ARG A 29 27.27 13.67 -28.43
CA ARG A 29 26.40 14.07 -29.52
C ARG A 29 27.22 14.73 -30.62
N ALA A 30 28.14 15.62 -30.21
CA ALA A 30 29.01 16.31 -31.18
C ALA A 30 29.83 15.34 -32.02
N LEU A 31 30.11 14.15 -31.48
CA LEU A 31 30.85 13.14 -32.25
C LEU A 31 29.87 12.19 -32.94
N GLY A 32 28.58 12.44 -32.72
CA GLY A 32 27.54 11.69 -33.42
C GLY A 32 27.46 10.28 -32.91
N VAL A 33 27.64 10.13 -31.61
CA VAL A 33 27.64 8.86 -30.93
C VAL A 33 26.32 8.79 -30.20
N PRO A 34 25.42 7.92 -30.69
CA PRO A 34 24.11 7.76 -30.06
C PRO A 34 24.24 7.26 -28.64
N VAL A 35 23.44 7.86 -27.77
CA VAL A 35 23.35 7.47 -26.38
C VAL A 35 21.94 6.94 -26.16
N VAL A 36 21.84 5.80 -25.50
CA VAL A 36 20.54 5.17 -25.33
C VAL A 36 20.31 4.86 -23.86
N PRO A 37 19.32 5.54 -23.28
CA PRO A 37 18.95 5.30 -21.88
C PRO A 37 18.39 3.90 -21.78
N VAL A 38 18.87 3.14 -20.80
CA VAL A 38 18.37 1.82 -20.48
C VAL A 38 18.04 1.86 -19.02
N THR A 39 16.76 1.83 -18.69
CA THR A 39 16.37 2.20 -17.35
C THR A 39 15.23 1.35 -16.79
N ALA A 40 15.14 1.32 -15.47
CA ALA A 40 13.97 0.78 -14.81
C ALA A 40 12.77 1.73 -14.91
N LYS A 41 13.01 3.01 -15.21
CA LYS A 41 11.96 4.03 -15.22
C LYS A 41 10.91 3.80 -16.30
N THR A 42 9.72 4.35 -16.08
CA THR A 42 8.67 4.31 -17.10
C THR A 42 8.95 5.28 -18.24
N ARG A 43 8.27 5.07 -19.37
CA ARG A 43 8.27 6.03 -20.46
C ARG A 43 7.93 7.43 -19.98
N LYS A 44 6.90 7.54 -19.15
CA LYS A 44 6.48 8.85 -18.65
C LYS A 44 7.60 9.53 -17.86
N GLU A 45 8.37 8.72 -17.13
CA GLU A 45 9.47 9.27 -16.36
C GLU A 45 10.58 9.73 -17.29
N VAL A 46 10.89 8.89 -18.27
CA VAL A 46 11.91 9.18 -19.27
C VAL A 46 11.56 10.47 -20.01
N GLU A 47 10.29 10.68 -20.30
CA GLU A 47 9.89 11.93 -20.97
C GLU A 47 10.00 13.18 -20.08
N ALA A 48 9.69 13.04 -18.80
CA ALA A 48 9.89 14.15 -17.85
C ALA A 48 11.36 14.54 -17.77
N LEU A 49 12.27 13.63 -18.14
CA LEU A 49 13.69 13.94 -18.23
C LEU A 49 14.10 14.63 -19.54
N GLY A 50 13.19 14.73 -20.51
CA GLY A 50 13.50 15.39 -21.75
C GLY A 50 14.29 14.51 -22.70
N LEU A 51 14.29 13.21 -22.43
CA LEU A 51 15.06 12.27 -23.21
C LEU A 51 14.28 11.83 -24.45
N GLU A 52 14.96 11.78 -25.59
CA GLU A 52 14.35 11.37 -26.86
C GLU A 52 14.60 9.91 -27.15
N PRO A 53 13.74 9.29 -27.97
CA PRO A 53 13.96 7.90 -28.37
C PRO A 53 15.16 7.81 -29.33
N PRO A 54 15.77 6.62 -29.46
CA PRO A 54 15.33 5.37 -28.85
C PRO A 54 15.78 5.25 -27.40
N PHE A 55 14.93 4.69 -26.56
CA PHE A 55 15.29 4.42 -25.18
C PHE A 55 14.57 3.16 -24.72
N ILE A 56 15.10 2.54 -23.68
CA ILE A 56 14.58 1.29 -23.15
C ILE A 56 14.03 1.52 -21.74
N VAL A 57 12.76 1.19 -21.55
CA VAL A 57 12.11 1.45 -20.26
C VAL A 57 11.86 0.18 -19.46
N GLU A 58 11.62 0.37 -18.17
CA GLU A 58 11.09 -0.66 -17.28
C GLU A 58 11.91 -1.93 -17.29
N ASN A 59 13.23 -1.76 -17.22
CA ASN A 59 14.14 -2.88 -17.14
C ASN A 59 14.25 -3.77 -18.38
N GLY A 60 13.89 -3.22 -19.54
CA GLY A 60 13.92 -3.96 -20.79
C GLY A 60 12.54 -4.41 -21.23
N GLY A 61 11.52 -4.06 -20.43
CA GLY A 61 10.16 -4.48 -20.73
C GLY A 61 9.67 -3.95 -22.07
N GLY A 62 10.19 -2.78 -22.44
CA GLY A 62 9.78 -2.10 -23.65
C GLY A 62 10.88 -1.30 -24.32
N LEU A 63 10.88 -1.35 -25.65
CA LEU A 63 11.84 -0.64 -26.47
C LEU A 63 11.08 0.40 -27.26
N TYR A 64 11.38 1.67 -26.99
CA TYR A 64 10.70 2.79 -27.64
C TYR A 64 11.55 3.34 -28.77
N LEU A 65 11.02 3.30 -29.98
CA LEU A 65 11.73 3.86 -31.13
C LEU A 65 11.02 5.10 -31.62
N PRO A 66 11.76 5.97 -32.32
CA PRO A 66 11.10 7.07 -33.02
C PRO A 66 10.15 6.48 -34.05
N ARG A 67 9.07 7.16 -34.37
CA ARG A 67 8.12 6.58 -35.31
C ARG A 67 8.73 6.37 -36.70
N ASP A 68 9.64 7.26 -37.09
CA ASP A 68 10.25 7.13 -38.40
C ASP A 68 11.61 6.44 -38.38
N TRP A 69 11.86 5.61 -37.36
CA TRP A 69 13.05 4.77 -37.32
C TRP A 69 13.18 4.07 -38.67
N PRO A 70 14.38 4.06 -39.26
CA PRO A 70 14.55 3.45 -40.61
C PRO A 70 14.22 1.95 -40.69
N VAL A 71 14.36 1.23 -39.58
CA VAL A 71 14.03 -0.18 -39.55
C VAL A 71 12.63 -0.38 -38.96
N ARG A 72 11.73 -0.97 -39.74
CA ARG A 72 10.37 -1.22 -39.27
C ARG A 72 10.29 -2.30 -38.19
N ALA A 73 9.73 -1.92 -37.04
CA ALA A 73 9.55 -2.80 -35.89
C ALA A 73 8.60 -2.17 -34.88
N GLY A 74 7.88 -3.04 -34.16
CA GLY A 74 7.05 -2.61 -33.07
C GLY A 74 5.74 -1.99 -33.48
N ARG A 75 5.00 -1.52 -32.49
CA ARG A 75 3.68 -1.00 -32.72
C ARG A 75 3.69 0.52 -32.67
N PRO A 76 2.95 1.16 -33.61
CA PRO A 76 2.83 2.63 -33.65
C PRO A 76 2.15 3.19 -32.42
N LYS A 77 2.69 4.27 -31.89
CA LYS A 77 2.02 5.00 -30.81
C LYS A 77 2.46 6.47 -30.87
N GLY A 78 1.62 7.32 -31.45
CA GLY A 78 1.99 8.71 -31.58
C GLY A 78 3.37 8.85 -32.18
N GLY A 79 4.27 9.47 -31.43
CA GLY A 79 5.59 9.77 -31.93
C GLY A 79 6.54 8.58 -31.86
N TYR A 80 6.05 7.46 -31.37
CA TYR A 80 6.92 6.32 -31.20
C TYR A 80 6.48 5.12 -32.03
N ARG A 81 7.37 4.14 -32.12
CA ARG A 81 6.97 2.76 -32.34
C ARG A 81 7.42 1.98 -31.10
N VAL A 82 6.56 1.13 -30.57
CA VAL A 82 6.92 0.40 -29.36
C VAL A 82 7.12 -1.09 -29.60
N VAL A 83 8.29 -1.56 -29.19
CA VAL A 83 8.61 -2.97 -29.19
C VAL A 83 8.44 -3.50 -27.77
N SER A 84 7.40 -4.31 -27.59
CA SER A 84 7.12 -4.98 -26.32
C SER A 84 7.86 -6.31 -26.22
N LEU A 85 8.61 -6.47 -25.13
CA LEU A 85 9.38 -7.68 -24.91
C LEU A 85 8.88 -8.44 -23.69
N ALA A 86 8.02 -7.80 -22.92
CA ALA A 86 7.61 -8.37 -21.66
C ALA A 86 6.10 -8.44 -21.59
N TRP A 87 5.61 -9.28 -20.68
CA TRP A 87 4.18 -9.32 -20.41
C TRP A 87 3.68 -7.93 -20.13
N PRO A 88 2.38 -7.69 -20.40
CA PRO A 88 1.85 -6.37 -20.05
C PRO A 88 1.58 -6.28 -18.56
N TYR A 89 1.75 -5.07 -18.02
CA TYR A 89 1.43 -4.77 -16.62
C TYR A 89 0.19 -5.51 -16.09
N ARG A 90 -0.94 -5.31 -16.74
CA ARG A 90 -2.19 -5.98 -16.35
C ARG A 90 -1.98 -7.45 -16.01
N LYS A 91 -1.21 -8.14 -16.84
CA LYS A 91 -0.98 -9.58 -16.67
C LYS A 91 -0.10 -9.90 -15.45
N VAL A 92 0.96 -9.13 -15.27
CA VAL A 92 1.85 -9.28 -14.13
C VAL A 92 1.06 -9.04 -12.84
N ARG A 93 0.19 -8.05 -12.87
CA ARG A 93 -0.67 -7.75 -11.74
C ARG A 93 -1.58 -8.94 -11.42
N ALA A 94 -2.14 -9.54 -12.46
CA ALA A 94 -3.03 -10.68 -12.25
C ALA A 94 -2.23 -11.83 -11.59
N ARG A 95 -1.02 -12.07 -12.11
CA ARG A 95 -0.14 -13.07 -11.53
C ARG A 95 0.24 -12.75 -10.09
N LEU A 96 0.43 -11.46 -9.78
CA LEU A 96 0.62 -11.03 -8.40
C LEU A 96 -0.50 -11.49 -7.46
N ARG A 97 -1.74 -11.41 -7.92
CA ARG A 97 -2.87 -11.82 -7.07
C ARG A 97 -2.77 -13.29 -6.72
N GLU A 98 -2.44 -14.08 -7.72
CA GLU A 98 -2.24 -15.51 -7.53
C GLU A 98 -1.10 -15.74 -6.54
N ALA A 99 -0.04 -14.95 -6.67
CA ALA A 99 1.12 -15.13 -5.80
C ALA A 99 0.77 -14.74 -4.38
N GLU A 100 -0.06 -13.71 -4.24
CA GLU A 100 -0.40 -13.19 -2.94
C GLU A 100 -1.22 -14.21 -2.17
N ALA A 101 -2.04 -14.97 -2.89
CA ALA A 101 -2.86 -15.99 -2.28
C ALA A 101 -2.03 -17.24 -1.94
N LEU A 102 -1.00 -17.49 -2.74
CA LEU A 102 -0.14 -18.66 -2.55
C LEU A 102 0.75 -18.50 -1.33
N ALA A 103 1.19 -17.27 -1.08
CA ALA A 103 2.01 -16.97 0.09
C ALA A 103 1.15 -16.72 1.32
N GLY A 104 -0.15 -16.53 1.10
CA GLY A 104 -1.10 -16.32 2.18
C GLY A 104 -0.88 -14.98 2.88
N ARG A 105 -0.50 -13.98 2.09
CA ARG A 105 -0.01 -12.74 2.67
C ARG A 105 -0.04 -11.62 1.64
N PRO A 106 -0.44 -10.41 2.06
CA PRO A 106 -0.48 -9.24 1.17
C PRO A 106 0.80 -9.05 0.39
N ILE A 107 0.68 -8.87 -0.92
CA ILE A 107 1.79 -8.39 -1.72
C ILE A 107 1.38 -7.10 -2.42
N LEU A 108 1.94 -5.99 -1.94
CA LEU A 108 1.51 -4.69 -2.42
C LEU A 108 2.56 -4.05 -3.31
N GLY A 109 2.09 -3.53 -4.45
CA GLY A 109 2.97 -2.81 -5.37
C GLY A 109 2.39 -1.45 -5.70
N TYR A 110 3.03 -0.73 -6.62
CA TYR A 110 2.59 0.61 -6.94
C TYR A 110 1.13 0.65 -7.41
N GLY A 111 0.71 -0.43 -8.07
CA GLY A 111 -0.63 -0.50 -8.61
C GLY A 111 -1.69 -0.44 -7.53
N ASP A 112 -1.31 -0.80 -6.31
CA ASP A 112 -2.20 -0.79 -5.17
C ASP A 112 -2.18 0.53 -4.39
N LEU A 113 -1.19 1.37 -4.67
CA LEU A 113 -0.97 2.58 -3.89
C LEU A 113 -1.47 3.85 -4.57
N THR A 114 -1.83 4.84 -3.77
CA THR A 114 -2.10 6.16 -4.33
C THR A 114 -0.78 6.80 -4.75
N ALA A 115 -0.84 7.76 -5.66
CA ALA A 115 0.34 8.56 -6.01
C ALA A 115 0.93 9.23 -4.75
N GLU A 116 0.03 9.68 -3.88
CA GLU A 116 0.39 10.27 -2.59
C GLU A 116 1.32 9.35 -1.79
N ALA A 117 0.95 8.08 -1.72
CA ALA A 117 1.71 7.10 -0.95
C ALA A 117 3.03 6.75 -1.64
N VAL A 118 2.99 6.56 -2.96
CA VAL A 118 4.22 6.33 -3.69
C VAL A 118 5.18 7.49 -3.50
N ALA A 119 4.66 8.72 -3.51
CA ALA A 119 5.49 9.90 -3.33
C ALA A 119 6.18 9.91 -1.96
N ARG A 120 5.43 9.62 -0.90
CA ARG A 120 5.99 9.55 0.44
C ARG A 120 7.06 8.48 0.50
N LEU A 121 6.74 7.29 -0.04
CA LEU A 121 7.65 6.16 -0.01
C LEU A 121 8.96 6.42 -0.71
N THR A 122 8.92 7.24 -1.76
CA THR A 122 10.08 7.42 -2.62
C THR A 122 10.73 8.79 -2.47
N GLY A 123 10.15 9.65 -1.63
CA GLY A 123 10.67 10.99 -1.50
C GLY A 123 10.48 11.77 -2.80
N LEU A 124 9.59 11.30 -3.66
CA LEU A 124 9.25 12.03 -4.88
C LEU A 124 8.08 12.98 -4.63
N SER A 125 7.82 13.84 -5.61
CA SER A 125 6.65 14.69 -5.60
C SER A 125 5.47 13.89 -6.09
N ARG A 126 4.26 14.36 -5.80
CA ARG A 126 3.08 13.65 -6.24
C ARG A 126 3.11 13.45 -7.76
N GLU A 127 3.51 14.50 -8.45
CA GLU A 127 3.48 14.50 -9.90
C GLU A 127 4.50 13.47 -10.51
N ALA A 128 5.71 13.41 -9.97
CA ALA A 128 6.65 12.37 -10.35
C ALA A 128 6.14 10.94 -10.03
N ALA A 129 5.48 10.80 -8.89
CA ALA A 129 5.00 9.49 -8.49
C ALA A 129 3.94 9.00 -9.46
N ARG A 130 3.12 9.91 -9.96
CA ARG A 130 2.12 9.55 -10.96
C ARG A 130 2.81 9.02 -12.21
N ARG A 131 3.97 9.57 -12.51
CA ARG A 131 4.73 9.10 -13.64
C ARG A 131 5.27 7.71 -13.36
N ALA A 132 5.71 7.48 -12.11
CA ALA A 132 6.27 6.18 -11.73
C ALA A 132 5.18 5.10 -11.68
N LYS A 133 3.93 5.54 -11.56
CA LYS A 133 2.78 4.63 -11.46
C LYS A 133 2.21 4.27 -12.84
N ALA A 134 2.57 5.06 -13.86
CA ALA A 134 2.15 4.78 -15.22
C ALA A 134 3.07 3.70 -15.81
N ARG A 135 2.83 2.47 -15.41
CA ARG A 135 3.71 1.37 -15.73
C ARG A 135 3.10 0.44 -16.77
N GLU A 136 3.88 0.09 -17.79
CA GLU A 136 3.36 -0.73 -18.87
C GLU A 136 3.78 -2.20 -18.79
N TYR A 137 4.83 -2.50 -18.04
CA TYR A 137 5.38 -3.87 -18.02
C TYR A 137 5.69 -4.39 -16.62
N ASP A 138 6.39 -3.56 -15.86
CA ASP A 138 7.03 -3.98 -14.64
C ASP A 138 6.34 -3.36 -13.44
N GLU A 139 6.19 -4.15 -12.38
CA GLU A 139 5.62 -3.65 -11.15
C GLU A 139 6.71 -3.43 -10.12
N THR A 140 6.66 -2.32 -9.41
CA THR A 140 7.53 -2.10 -8.26
C THR A 140 6.81 -2.59 -7.02
N LEU A 141 7.52 -3.31 -6.16
CA LEU A 141 6.93 -3.93 -4.99
C LEU A 141 7.36 -3.23 -3.71
N VAL A 142 6.43 -3.09 -2.79
CA VAL A 142 6.77 -2.55 -1.48
C VAL A 142 6.79 -3.64 -0.41
N LEU A 143 7.98 -4.16 -0.16
CA LEU A 143 8.16 -5.26 0.78
C LEU A 143 9.01 -4.82 1.97
N CYS A 144 8.68 -5.34 3.15
CA CYS A 144 9.56 -5.23 4.31
C CYS A 144 10.71 -6.19 4.13
N PRO A 145 11.93 -5.73 4.47
CA PRO A 145 13.15 -6.54 4.46
C PRO A 145 12.90 -7.96 4.95
N GLU A 146 12.00 -8.08 5.92
CA GLU A 146 11.76 -9.39 6.53
C GLU A 146 11.06 -10.37 5.59
N GLU A 147 10.02 -9.90 4.91
CA GLU A 147 9.09 -10.77 4.19
C GLU A 147 9.55 -11.12 2.79
N VAL A 148 10.65 -10.53 2.36
CA VAL A 148 11.08 -10.58 0.98
C VAL A 148 11.17 -11.99 0.37
N GLU A 149 11.63 -12.94 1.15
CA GLU A 149 11.91 -14.27 0.62
C GLU A 149 10.68 -15.18 0.50
N ALA A 150 9.75 -15.07 1.43
CA ALA A 150 8.48 -15.76 1.21
C ALA A 150 7.84 -15.20 -0.06
N VAL A 151 8.05 -13.91 -0.30
CA VAL A 151 7.44 -13.24 -1.45
C VAL A 151 8.13 -13.67 -2.74
N LEU A 152 9.45 -13.58 -2.80
CA LEU A 152 10.15 -13.99 -4.02
C LEU A 152 9.84 -15.44 -4.42
N GLU A 153 9.89 -16.34 -3.45
CA GLU A 153 9.54 -17.74 -3.70
C GLU A 153 8.14 -17.86 -4.35
N ALA A 154 7.19 -17.12 -3.79
CA ALA A 154 5.82 -17.15 -4.28
C ALA A 154 5.72 -16.62 -5.70
N LEU A 155 6.48 -15.55 -5.98
CA LEU A 155 6.54 -14.90 -7.28
C LEU A 155 7.06 -15.83 -8.38
N GLU A 156 8.06 -16.62 -8.07
CA GLU A 156 8.57 -17.58 -9.04
C GLU A 156 7.56 -18.71 -9.28
N ALA A 157 6.87 -19.12 -8.21
CA ALA A 157 5.89 -20.21 -8.28
C ALA A 157 4.80 -19.89 -9.29
N VAL A 158 4.47 -18.62 -9.43
CA VAL A 158 3.45 -18.22 -10.40
C VAL A 158 4.04 -17.73 -11.73
N GLY A 159 5.29 -18.08 -12.01
CA GLY A 159 5.89 -17.80 -13.29
C GLY A 159 6.41 -16.38 -13.53
N LEU A 160 6.48 -15.58 -12.47
CA LEU A 160 7.01 -14.23 -12.57
C LEU A 160 8.50 -14.15 -12.28
N GLU A 161 9.17 -13.19 -12.91
CA GLU A 161 10.55 -12.91 -12.62
C GLU A 161 10.70 -11.71 -11.69
N TRP A 162 11.86 -11.60 -11.06
CA TRP A 162 12.05 -10.53 -10.12
C TRP A 162 13.46 -9.99 -10.19
N THR A 163 13.62 -8.77 -9.70
CA THR A 163 14.90 -8.11 -9.76
C THR A 163 14.83 -6.91 -8.81
N HIS A 164 15.96 -6.44 -8.32
CA HIS A 164 15.90 -5.29 -7.42
C HIS A 164 16.87 -4.22 -7.90
N GLY A 165 16.46 -2.96 -7.82
CA GLY A 165 17.30 -1.87 -8.23
C GLY A 165 17.88 -1.14 -7.03
N GLY A 166 18.41 -1.89 -6.07
CA GLY A 166 19.05 -1.27 -4.92
C GLY A 166 18.14 -0.98 -3.75
N ARG A 167 16.84 -0.79 -4.00
CA ARG A 167 15.89 -0.67 -2.89
C ARG A 167 14.68 -1.60 -3.08
N PHE A 168 13.63 -1.12 -3.73
CA PHE A 168 12.45 -1.94 -3.95
C PHE A 168 12.68 -3.04 -4.97
N TYR A 169 12.07 -4.18 -4.72
CA TYR A 169 12.04 -5.27 -5.69
C TYR A 169 11.06 -4.99 -6.82
N HIS A 170 11.33 -5.60 -7.97
CA HIS A 170 10.49 -5.47 -9.16
C HIS A 170 10.06 -6.84 -9.65
N ALA A 171 8.85 -6.90 -10.22
CA ALA A 171 8.33 -8.12 -10.77
C ALA A 171 7.93 -7.91 -12.21
N ALA A 172 8.29 -8.85 -13.08
CA ALA A 172 7.92 -8.81 -14.48
C ALA A 172 8.13 -10.18 -15.11
N LYS A 173 7.87 -10.27 -16.41
CA LYS A 173 8.12 -11.47 -17.19
C LYS A 173 8.56 -11.06 -18.59
N GLY A 174 9.84 -11.31 -18.87
CA GLY A 174 10.45 -10.90 -20.13
C GLY A 174 11.28 -9.63 -20.08
N ALA A 175 11.24 -8.90 -18.98
CA ALA A 175 11.95 -7.62 -18.91
C ALA A 175 13.41 -7.86 -18.55
N ASP A 176 14.28 -7.67 -19.53
CA ASP A 176 15.69 -7.89 -19.34
C ASP A 176 16.48 -6.85 -20.11
N LYS A 177 17.26 -6.05 -19.43
CA LYS A 177 18.03 -5.02 -20.11
C LYS A 177 18.90 -5.61 -21.22
N GLY A 178 19.54 -6.73 -20.97
CA GLY A 178 20.45 -7.30 -21.94
C GLY A 178 19.72 -7.69 -23.21
N ARG A 179 18.54 -8.26 -23.06
CA ARG A 179 17.77 -8.65 -24.22
C ARG A 179 17.24 -7.46 -25.03
N ALA A 180 16.78 -6.42 -24.34
CA ALA A 180 16.32 -5.21 -25.01
C ALA A 180 17.46 -4.57 -25.81
N VAL A 181 18.66 -4.59 -25.23
CA VAL A 181 19.86 -4.05 -25.88
C VAL A 181 20.22 -4.83 -27.14
N ALA A 182 20.14 -6.15 -27.06
CA ALA A 182 20.50 -7.01 -28.17
C ALA A 182 19.50 -6.81 -29.31
N ARG A 183 18.22 -6.65 -28.95
CA ARG A 183 17.18 -6.40 -29.94
C ARG A 183 17.39 -5.04 -30.59
N LEU A 184 17.70 -4.03 -29.79
CA LEU A 184 17.89 -2.70 -30.32
C LEU A 184 19.07 -2.69 -31.27
N ARG A 185 20.17 -3.34 -30.86
CA ARG A 185 21.34 -3.44 -31.72
C ARG A 185 20.96 -4.07 -33.07
N ALA A 186 20.18 -5.15 -33.02
CA ALA A 186 19.79 -5.87 -34.23
C ALA A 186 18.81 -5.07 -35.08
N LEU A 187 18.21 -4.04 -34.50
CA LEU A 187 17.28 -3.17 -35.22
C LEU A 187 17.96 -1.88 -35.69
N TRP A 188 19.28 -1.81 -35.56
CA TRP A 188 19.97 -0.54 -35.78
C TRP A 188 20.09 -0.27 -37.26
N PRO A 189 19.76 0.96 -37.68
CA PRO A 189 19.69 1.28 -39.10
C PRO A 189 21.01 0.91 -39.79
N ASP A 190 22.12 1.39 -39.25
CA ASP A 190 23.45 1.08 -39.76
C ASP A 190 24.14 0.05 -38.89
N PRO A 191 24.27 -1.19 -39.40
CA PRO A 191 24.90 -2.28 -38.65
C PRO A 191 26.27 -1.94 -38.07
N GLU A 192 27.12 -1.32 -38.88
CA GLU A 192 28.46 -0.95 -38.45
C GLU A 192 28.50 0.00 -37.23
N GLU A 193 27.50 0.85 -37.09
CA GLU A 193 27.48 1.73 -35.93
C GLU A 193 27.16 0.92 -34.67
N ALA A 194 26.46 -0.20 -34.84
CA ALA A 194 25.99 -1.00 -33.69
C ALA A 194 26.96 -2.13 -33.36
N ARG A 195 27.98 -2.28 -34.20
CA ARG A 195 29.02 -3.29 -33.98
C ARG A 195 29.67 -3.16 -32.61
N PHE A 196 29.96 -1.94 -32.19
CA PHE A 196 30.64 -1.75 -30.93
C PHE A 196 29.77 -1.02 -29.91
N ALA A 197 29.34 -1.76 -28.91
CA ALA A 197 28.41 -1.23 -27.91
C ALA A 197 29.08 -1.04 -26.56
N VAL A 198 28.81 0.10 -25.96
CA VAL A 198 29.24 0.41 -24.61
C VAL A 198 28.02 0.30 -23.71
N GLY A 199 28.25 -0.07 -22.46
CA GLY A 199 27.19 -0.23 -21.49
C GLY A 199 27.68 0.25 -20.13
N LEU A 200 27.03 1.29 -19.61
CA LEU A 200 27.36 1.83 -18.30
C LEU A 200 26.23 1.59 -17.31
N GLY A 201 26.59 1.23 -16.07
CA GLY A 201 25.61 0.90 -15.04
C GLY A 201 26.15 1.04 -13.63
N ASP A 202 25.30 0.73 -12.65
CA ASP A 202 25.64 0.93 -11.24
C ASP A 202 25.11 -0.14 -10.26
N SER A 203 24.20 -1.01 -10.68
CA SER A 203 23.48 -1.85 -9.72
C SER A 203 23.32 -3.31 -10.09
N LEU A 204 22.37 -3.96 -9.42
CA LEU A 204 22.12 -5.39 -9.61
C LEU A 204 21.59 -5.65 -11.00
N ASN A 205 20.58 -4.87 -11.35
CA ASN A 205 19.87 -5.09 -12.61
C ASN A 205 20.70 -4.63 -13.80
N ASP A 206 21.93 -4.20 -13.56
CA ASP A 206 22.77 -3.72 -14.67
C ASP A 206 23.65 -4.80 -15.27
N LEU A 207 23.81 -5.90 -14.54
CA LEU A 207 24.52 -7.07 -15.04
C LEU A 207 24.07 -7.47 -16.45
N PRO A 208 22.75 -7.74 -16.65
CA PRO A 208 22.33 -8.13 -18.01
C PRO A 208 22.79 -7.14 -19.08
N LEU A 209 22.88 -5.87 -18.72
CA LEU A 209 23.34 -4.82 -19.60
C LEU A 209 24.84 -4.98 -19.90
N PHE A 210 25.61 -5.21 -18.85
CA PHE A 210 27.04 -5.45 -18.97
C PHE A 210 27.32 -6.65 -19.87
N ARG A 211 26.53 -7.72 -19.71
CA ARG A 211 26.73 -8.95 -20.49
C ARG A 211 26.44 -8.78 -21.98
N ALA A 212 25.61 -7.79 -22.31
CA ALA A 212 25.12 -7.63 -23.69
C ALA A 212 25.90 -6.59 -24.48
N VAL A 213 26.95 -6.02 -23.90
CA VAL A 213 27.75 -5.04 -24.65
C VAL A 213 29.20 -5.49 -24.78
N ASP A 214 29.96 -4.78 -25.59
CA ASP A 214 31.36 -5.11 -25.82
C ASP A 214 32.29 -4.46 -24.79
N LEU A 215 31.86 -3.32 -24.27
CA LEU A 215 32.64 -2.63 -23.26
C LEU A 215 31.75 -2.22 -22.10
N ALA A 216 32.02 -2.79 -20.94
CA ALA A 216 31.18 -2.60 -19.77
C ALA A 216 31.86 -1.75 -18.69
N VAL A 217 31.15 -0.73 -18.21
CA VAL A 217 31.69 0.13 -17.18
C VAL A 217 30.76 0.23 -15.98
N TYR A 218 31.28 -0.18 -14.82
CA TYR A 218 30.57 -0.09 -13.56
C TYR A 218 30.97 1.20 -12.86
N VAL A 219 30.00 2.05 -12.57
CA VAL A 219 30.24 3.26 -11.79
C VAL A 219 29.36 3.29 -10.55
N GLY A 220 29.09 2.12 -9.99
CA GLY A 220 28.28 2.00 -8.79
C GLY A 220 29.10 2.09 -7.51
N ARG A 221 28.48 1.73 -6.39
CA ARG A 221 29.14 1.84 -5.09
C ARG A 221 29.72 0.48 -4.69
N GLY A 222 31.05 0.41 -4.56
CA GLY A 222 31.70 -0.87 -4.32
C GLY A 222 32.31 -1.44 -5.59
N ASP A 223 32.90 -2.62 -5.48
CA ASP A 223 33.73 -3.17 -6.55
C ASP A 223 32.92 -3.87 -7.64
N PRO A 224 33.42 -3.81 -8.88
CA PRO A 224 32.68 -4.23 -10.08
C PRO A 224 32.29 -5.69 -10.07
N PRO A 225 31.42 -6.08 -11.01
CA PRO A 225 31.19 -7.50 -11.26
C PRO A 225 32.43 -8.02 -11.98
N GLU A 226 32.78 -9.30 -11.78
CA GLU A 226 33.93 -9.89 -12.46
C GLU A 226 33.85 -9.57 -13.94
N GLY A 227 34.93 -8.99 -14.48
CA GLY A 227 35.01 -8.71 -15.90
C GLY A 227 34.39 -7.40 -16.36
N VAL A 228 34.04 -6.52 -15.41
CA VAL A 228 33.54 -5.20 -15.78
C VAL A 228 34.52 -4.13 -15.31
N LEU A 229 34.77 -3.14 -16.15
CA LEU A 229 35.63 -2.02 -15.77
C LEU A 229 34.99 -1.20 -14.63
N ALA A 230 35.83 -0.43 -13.93
CA ALA A 230 35.37 0.48 -12.88
C ALA A 230 35.95 1.87 -13.08
N THR A 231 35.48 2.81 -12.27
CA THR A 231 35.95 4.19 -12.34
C THR A 231 36.33 4.64 -10.93
N PRO A 232 37.26 5.61 -10.83
CA PRO A 232 37.71 6.05 -9.50
C PRO A 232 36.55 6.55 -8.65
N ALA A 233 35.57 7.20 -9.29
CA ALA A 233 34.43 7.74 -8.57
C ALA A 233 33.14 7.26 -9.23
N PRO A 234 32.06 7.17 -8.46
CA PRO A 234 30.75 6.72 -8.95
C PRO A 234 29.92 7.84 -9.59
N GLY A 235 28.73 7.49 -10.09
CA GLY A 235 27.79 8.47 -10.62
C GLY A 235 28.20 9.15 -11.91
N PRO A 236 27.57 10.31 -12.18
CA PRO A 236 27.80 11.17 -13.35
C PRO A 236 29.28 11.42 -13.54
N GLU A 237 29.98 11.50 -12.42
CA GLU A 237 31.41 11.74 -12.45
C GLU A 237 32.14 10.53 -13.03
N GLY A 238 31.57 9.35 -12.81
CA GLY A 238 32.12 8.12 -13.33
C GLY A 238 31.78 7.98 -14.80
N PHE A 239 30.68 8.60 -15.21
CA PHE A 239 30.27 8.61 -16.61
C PHE A 239 31.20 9.50 -17.42
N ARG A 240 31.52 10.66 -16.88
CA ARG A 240 32.42 11.60 -17.54
C ARG A 240 33.81 11.01 -17.70
N TYR A 241 34.31 10.38 -16.65
CA TYR A 241 35.62 9.74 -16.68
C TYR A 241 35.60 8.63 -17.71
N ALA A 242 34.55 7.81 -17.70
CA ALA A 242 34.41 6.72 -18.64
C ALA A 242 34.48 7.21 -20.09
N VAL A 243 33.85 8.34 -20.38
CA VAL A 243 33.87 8.85 -21.75
C VAL A 243 35.24 9.38 -22.17
N GLU A 244 35.90 10.09 -21.25
CA GLU A 244 37.21 10.69 -21.51
C GLU A 244 38.33 9.64 -21.60
N ARG A 245 38.19 8.54 -20.85
CA ARG A 245 39.28 7.60 -20.71
C ARG A 245 39.16 6.41 -21.65
N TYR A 246 37.94 5.91 -21.81
CA TYR A 246 37.73 4.69 -22.58
C TYR A 246 37.20 4.99 -23.99
N LEU A 247 36.35 5.99 -24.10
CA LEU A 247 35.58 6.22 -25.32
C LEU A 247 36.21 7.22 -26.28
N LEU A 248 36.52 8.42 -25.81
CA LEU A 248 37.04 9.43 -26.73
C LEU A 248 38.34 9.00 -27.41
N PRO A 249 39.32 8.51 -26.63
CA PRO A 249 40.55 8.11 -27.31
C PRO A 249 40.23 7.31 -28.57
N ARG A 250 39.34 6.33 -28.43
CA ARG A 250 38.97 5.46 -29.56
C ARG A 250 38.78 6.27 -30.85
N LEU A 251 37.72 7.07 -30.90
CA LEU A 251 37.47 7.90 -32.07
C LEU A 251 38.41 9.11 -32.18
N SER A 252 37.97 10.26 -32.09
N MET B 1 -32.13 -0.85 30.65
CA MET B 1 -31.10 -1.66 30.02
C MET B 1 -30.78 -1.18 28.61
N ILE B 2 -29.49 -1.03 28.33
CA ILE B 2 -29.04 -0.70 26.99
C ILE B 2 -28.07 -1.78 26.58
N VAL B 3 -28.24 -2.29 25.37
CA VAL B 3 -27.32 -3.28 24.85
C VAL B 3 -26.32 -2.63 23.90
N PHE B 4 -25.05 -2.67 24.27
CA PHE B 4 -23.97 -2.20 23.44
C PHE B 4 -23.31 -3.42 22.84
N THR B 5 -23.10 -3.39 21.52
CA THR B 5 -22.57 -4.55 20.84
C THR B 5 -21.64 -4.25 19.69
N ASP B 6 -20.63 -5.09 19.59
CA ASP B 6 -19.74 -5.12 18.45
C ASP B 6 -20.49 -5.64 17.22
N LEU B 7 -19.95 -5.40 16.04
CA LEU B 7 -20.60 -5.92 14.83
C LEU B 7 -20.00 -7.24 14.34
N ASP B 8 -18.95 -7.14 13.53
CA ASP B 8 -18.29 -8.30 12.92
C ASP B 8 -17.89 -9.30 13.98
N GLY B 9 -18.31 -10.55 13.81
CA GLY B 9 -17.97 -11.59 14.76
C GLY B 9 -18.80 -11.63 16.03
N THR B 10 -19.66 -10.63 16.22
CA THR B 10 -20.50 -10.55 17.40
C THR B 10 -21.98 -10.64 16.98
N LEU B 11 -22.52 -9.51 16.56
CA LEU B 11 -23.91 -9.39 16.11
C LEU B 11 -24.11 -9.90 14.68
N LEU B 12 -23.12 -9.65 13.81
CA LEU B 12 -23.08 -10.23 12.47
C LEU B 12 -22.01 -11.30 12.47
N ASP B 13 -21.89 -12.02 11.36
CA ASP B 13 -20.66 -12.78 11.13
C ASP B 13 -19.62 -11.84 10.48
N GLU B 14 -18.47 -12.38 10.09
CA GLU B 14 -17.47 -11.53 9.45
C GLU B 14 -17.97 -11.02 8.09
N ARG B 15 -19.10 -11.58 7.64
CA ARG B 15 -19.66 -11.29 6.31
C ARG B 15 -20.95 -10.47 6.35
N GLY B 16 -21.08 -9.61 7.36
CA GLY B 16 -22.19 -8.68 7.42
C GLY B 16 -23.51 -9.29 7.86
N GLU B 17 -23.71 -10.57 7.57
CA GLU B 17 -24.98 -11.23 7.92
C GLU B 17 -25.21 -11.37 9.44
N LEU B 18 -26.42 -11.03 9.87
CA LEU B 18 -26.81 -11.19 11.28
C LEU B 18 -27.02 -12.65 11.73
N GLY B 19 -27.38 -13.53 10.79
CA GLY B 19 -27.46 -14.96 11.05
C GLY B 19 -28.48 -15.29 12.13
N PRO B 20 -28.08 -16.09 13.15
CA PRO B 20 -29.07 -16.36 14.19
C PRO B 20 -29.10 -15.24 15.22
N ALA B 21 -28.97 -13.99 14.77
CA ALA B 21 -29.04 -12.85 15.68
C ALA B 21 -30.21 -11.91 15.35
N ARG B 22 -30.66 -11.91 14.09
CA ARG B 22 -31.81 -11.10 13.72
C ARG B 22 -32.99 -11.36 14.65
N GLU B 23 -33.36 -12.64 14.77
CA GLU B 23 -34.42 -13.03 15.68
C GLU B 23 -34.10 -12.55 17.11
N ALA B 24 -32.83 -12.44 17.44
CA ALA B 24 -32.45 -11.95 18.76
C ALA B 24 -32.50 -10.41 18.86
N LEU B 25 -32.34 -9.73 17.73
CA LEU B 25 -32.56 -8.30 17.69
C LEU B 25 -34.05 -8.02 17.78
N GLU B 26 -34.83 -8.80 17.02
CA GLU B 26 -36.29 -8.69 17.03
C GLU B 26 -36.81 -8.63 18.47
N ARG B 27 -36.44 -9.62 19.26
CA ARG B 27 -36.88 -9.71 20.66
C ARG B 27 -36.53 -8.45 21.45
N LEU B 28 -35.23 -8.12 21.50
CA LEU B 28 -34.75 -6.93 22.21
C LEU B 28 -35.57 -5.69 21.85
N ARG B 29 -35.78 -5.48 20.56
CA ARG B 29 -36.64 -4.41 20.07
C ARG B 29 -38.04 -4.53 20.66
N ALA B 30 -38.64 -5.71 20.47
CA ALA B 30 -40.01 -5.96 20.92
C ALA B 30 -40.20 -5.64 22.39
N LEU B 31 -39.12 -5.68 23.15
CA LEU B 31 -39.19 -5.40 24.59
C LEU B 31 -38.60 -4.03 24.87
N GLY B 32 -38.57 -3.19 23.83
CA GLY B 32 -38.14 -1.82 23.95
C GLY B 32 -36.71 -1.66 24.40
N VAL B 33 -35.93 -2.73 24.28
CA VAL B 33 -34.54 -2.65 24.70
C VAL B 33 -33.63 -2.09 23.62
N PRO B 34 -33.02 -0.94 23.91
CA PRO B 34 -32.11 -0.21 23.03
C PRO B 34 -30.85 -1.02 22.71
N VAL B 35 -30.54 -1.13 21.42
CA VAL B 35 -29.30 -1.76 20.99
C VAL B 35 -28.40 -0.75 20.28
N VAL B 36 -27.16 -0.64 20.75
CA VAL B 36 -26.22 0.33 20.19
C VAL B 36 -24.99 -0.32 19.59
N PRO B 37 -24.86 -0.24 18.26
CA PRO B 37 -23.65 -0.73 17.59
C PRO B 37 -22.42 0.03 18.09
N VAL B 38 -21.37 -0.71 18.46
CA VAL B 38 -20.07 -0.11 18.81
C VAL B 38 -19.03 -0.86 18.01
N THR B 39 -18.46 -0.19 17.02
CA THR B 39 -17.70 -0.86 15.96
C THR B 39 -16.43 -0.10 15.56
N ALA B 40 -15.53 -0.78 14.86
CA ALA B 40 -14.39 -0.14 14.17
C ALA B 40 -14.79 0.37 12.79
N LYS B 41 -15.94 -0.09 12.31
CA LYS B 41 -16.42 0.34 11.00
C LYS B 41 -16.67 1.84 10.94
N THR B 42 -16.55 2.42 9.74
CA THR B 42 -16.86 3.85 9.56
C THR B 42 -18.37 4.12 9.57
N ARG B 43 -18.72 5.39 9.62
CA ARG B 43 -20.11 5.81 9.48
C ARG B 43 -20.77 5.23 8.22
N LYS B 44 -20.09 5.30 7.08
CA LYS B 44 -20.70 4.87 5.83
C LYS B 44 -20.92 3.37 5.80
N GLU B 45 -20.09 2.62 6.50
CA GLU B 45 -20.29 1.19 6.60
C GLU B 45 -21.50 0.87 7.45
N VAL B 46 -21.73 1.69 8.47
CA VAL B 46 -22.83 1.41 9.40
C VAL B 46 -24.16 1.71 8.72
N GLU B 47 -24.21 2.83 7.99
CA GLU B 47 -25.38 3.22 7.21
C GLU B 47 -25.74 2.17 6.17
N ALA B 48 -24.71 1.64 5.51
CA ALA B 48 -24.90 0.61 4.50
C ALA B 48 -25.52 -0.64 5.11
N LEU B 49 -25.36 -0.78 6.42
CA LEU B 49 -25.89 -1.93 7.12
C LEU B 49 -27.36 -1.71 7.48
N GLY B 50 -27.86 -0.51 7.20
CA GLY B 50 -29.22 -0.13 7.54
C GLY B 50 -29.36 0.23 9.00
N LEU B 51 -28.24 0.43 9.68
CA LEU B 51 -28.27 0.68 11.12
C LEU B 51 -28.39 2.18 11.46
N GLU B 52 -29.10 2.45 12.54
CA GLU B 52 -29.49 3.82 12.85
C GLU B 52 -28.94 4.28 14.18
N PRO B 53 -28.75 5.60 14.30
CA PRO B 53 -28.24 6.24 15.51
C PRO B 53 -29.19 6.00 16.65
N PRO B 54 -28.68 5.92 17.88
CA PRO B 54 -27.28 6.18 18.15
C PRO B 54 -26.37 4.96 17.90
N PHE B 55 -25.18 5.23 17.40
CA PHE B 55 -24.15 4.21 17.29
C PHE B 55 -22.76 4.81 17.39
N ILE B 56 -21.79 3.97 17.67
CA ILE B 56 -20.40 4.42 17.81
C ILE B 56 -19.52 3.85 16.71
N VAL B 57 -18.79 4.74 16.01
CA VAL B 57 -17.94 4.33 14.89
C VAL B 57 -16.47 4.39 15.24
N GLU B 58 -15.67 3.71 14.40
CA GLU B 58 -14.21 3.83 14.39
C GLU B 58 -13.57 3.64 15.74
N ASN B 59 -13.91 2.54 16.40
CA ASN B 59 -13.34 2.22 17.71
C ASN B 59 -13.59 3.21 18.86
N GLY B 60 -14.63 4.02 18.74
CA GLY B 60 -14.95 4.97 19.80
C GLY B 60 -14.63 6.39 19.39
N GLY B 61 -13.96 6.56 18.27
CA GLY B 61 -13.60 7.90 17.80
C GLY B 61 -14.79 8.82 17.60
N GLY B 62 -15.91 8.25 17.19
CA GLY B 62 -17.09 9.04 16.92
C GLY B 62 -18.37 8.47 17.50
N LEU B 63 -19.12 9.34 18.16
CA LEU B 63 -20.45 9.00 18.65
C LEU B 63 -21.50 9.67 17.77
N TYR B 64 -22.42 8.89 17.22
CA TYR B 64 -23.50 9.47 16.43
C TYR B 64 -24.87 9.45 17.11
N LEU B 65 -25.52 10.61 17.10
CA LEU B 65 -26.83 10.76 17.70
C LEU B 65 -27.83 11.16 16.63
N PRO B 66 -29.08 10.71 16.76
CA PRO B 66 -30.15 11.15 15.86
C PRO B 66 -30.26 12.67 15.91
N ARG B 67 -30.45 13.33 14.78
CA ARG B 67 -30.48 14.79 14.78
C ARG B 67 -31.43 15.36 15.84
N ASP B 68 -32.47 14.62 16.18
CA ASP B 68 -33.46 15.08 17.15
C ASP B 68 -33.30 14.41 18.52
N TRP B 69 -32.07 14.10 18.87
CA TRP B 69 -31.74 13.58 20.19
C TRP B 69 -32.12 14.61 21.26
N PRO B 70 -32.88 14.17 22.29
CA PRO B 70 -33.49 15.07 23.28
C PRO B 70 -32.45 15.79 24.12
N VAL B 71 -31.22 15.28 24.14
CA VAL B 71 -30.14 15.90 24.90
C VAL B 71 -29.15 16.54 23.93
N ARG B 72 -29.23 17.86 23.80
CA ARG B 72 -28.39 18.57 22.82
C ARG B 72 -26.90 18.32 23.05
N ALA B 73 -26.23 17.75 22.06
CA ALA B 73 -24.80 17.49 22.17
C ALA B 73 -24.19 17.42 20.78
N GLY B 74 -22.88 17.59 20.70
CA GLY B 74 -22.16 17.46 19.44
C GLY B 74 -22.50 18.53 18.42
N ARG B 75 -22.03 18.36 17.19
CA ARG B 75 -22.30 19.35 16.14
C ARG B 75 -22.96 18.70 14.94
N PRO B 76 -24.03 19.33 14.41
CA PRO B 76 -24.75 18.77 13.27
C PRO B 76 -23.83 18.41 12.11
N LYS B 77 -23.84 17.14 11.72
CA LYS B 77 -22.97 16.67 10.64
C LYS B 77 -23.72 15.60 9.87
N GLY B 78 -24.50 16.04 8.88
CA GLY B 78 -25.37 15.14 8.15
C GLY B 78 -26.80 15.26 8.63
N GLY B 79 -27.45 14.12 8.82
CA GLY B 79 -28.77 14.10 9.43
C GLY B 79 -28.63 13.52 10.83
N TYR B 80 -27.40 13.53 11.35
CA TYR B 80 -27.15 13.19 12.73
C TYR B 80 -26.50 14.38 13.39
N ARG B 81 -26.23 14.24 14.68
CA ARG B 81 -25.32 15.15 15.36
C ARG B 81 -24.12 14.31 15.78
N VAL B 82 -22.92 14.88 15.71
CA VAL B 82 -21.73 14.10 16.00
C VAL B 82 -20.95 14.61 17.20
N VAL B 83 -20.58 13.69 18.08
CA VAL B 83 -19.64 14.00 19.15
C VAL B 83 -18.31 13.32 18.85
N SER B 84 -17.36 14.10 18.32
CA SER B 84 -15.99 13.64 18.06
C SER B 84 -15.19 13.38 19.34
N LEU B 85 -14.71 12.16 19.51
CA LEU B 85 -13.95 11.85 20.72
C LEU B 85 -12.44 11.76 20.47
N ALA B 86 -12.03 11.69 19.21
CA ALA B 86 -10.65 11.38 18.88
C ALA B 86 -10.10 12.39 17.89
N TRP B 87 -8.78 12.44 17.73
CA TRP B 87 -8.20 13.24 16.68
C TRP B 87 -8.85 12.89 15.36
N PRO B 88 -8.95 13.89 14.46
CA PRO B 88 -9.42 13.57 13.12
C PRO B 88 -8.37 12.75 12.35
N TYR B 89 -8.86 11.84 11.50
CA TYR B 89 -8.06 11.12 10.51
C TYR B 89 -6.77 11.83 10.07
N ARG B 90 -6.91 13.02 9.51
CA ARG B 90 -5.78 13.79 8.97
CA ARG B 90 -5.78 13.79 8.97
C ARG B 90 -4.60 13.95 9.95
N LYS B 91 -4.89 14.11 11.24
CA LYS B 91 -3.83 14.24 12.25
C LYS B 91 -3.16 12.90 12.48
N VAL B 92 -3.96 11.86 12.52
CA VAL B 92 -3.42 10.52 12.64
C VAL B 92 -2.52 10.22 11.44
N ARG B 93 -3.01 10.50 10.24
CA ARG B 93 -2.19 10.30 9.03
C ARG B 93 -0.84 11.04 9.11
N ALA B 94 -0.87 12.31 9.49
CA ALA B 94 0.37 13.04 9.68
C ALA B 94 1.32 12.27 10.62
N ARG B 95 0.88 12.05 11.87
CA ARG B 95 1.71 11.33 12.84
C ARG B 95 2.28 10.02 12.28
N LEU B 96 1.46 9.30 11.50
CA LEU B 96 1.93 8.05 10.90
C LEU B 96 3.19 8.22 10.05
N ARG B 97 3.32 9.35 9.36
CA ARG B 97 4.51 9.63 8.56
C ARG B 97 5.73 9.74 9.45
N GLU B 98 5.60 10.46 10.56
CA GLU B 98 6.68 10.52 11.54
CA GLU B 98 6.69 10.51 11.54
C GLU B 98 7.00 9.12 12.12
N ALA B 99 5.96 8.34 12.43
CA ALA B 99 6.16 6.98 12.90
C ALA B 99 6.95 6.18 11.88
N GLU B 100 6.65 6.41 10.61
CA GLU B 100 7.20 5.62 9.54
C GLU B 100 8.68 5.90 9.37
N ALA B 101 9.03 7.18 9.45
CA ALA B 101 10.41 7.60 9.35
C ALA B 101 11.22 7.05 10.53
N LEU B 102 10.58 6.97 11.69
CA LEU B 102 11.25 6.54 12.90
C LEU B 102 11.53 5.04 12.82
N ALA B 103 10.52 4.29 12.38
CA ALA B 103 10.63 2.85 12.22
C ALA B 103 11.52 2.43 11.05
N GLY B 104 11.63 3.30 10.03
CA GLY B 104 12.43 3.02 8.86
C GLY B 104 11.85 1.95 7.95
N ARG B 105 10.57 1.64 8.13
CA ARG B 105 9.87 0.69 7.28
C ARG B 105 8.57 1.36 6.81
N PRO B 106 8.11 0.99 5.61
CA PRO B 106 6.80 1.44 5.17
C PRO B 106 5.74 1.12 6.22
N ILE B 107 4.89 2.10 6.48
CA ILE B 107 3.71 1.86 7.28
C ILE B 107 2.52 2.25 6.43
N LEU B 108 1.87 1.25 5.84
CA LEU B 108 0.81 1.47 4.87
C LEU B 108 -0.55 1.26 5.53
N GLY B 109 -1.47 2.20 5.30
CA GLY B 109 -2.82 2.10 5.81
C GLY B 109 -3.83 2.27 4.69
N TYR B 110 -5.12 2.14 5.01
CA TYR B 110 -6.18 2.30 4.01
C TYR B 110 -6.05 3.58 3.21
N GLY B 111 -5.60 4.66 3.86
CA GLY B 111 -5.38 5.92 3.17
C GLY B 111 -4.30 5.89 2.09
N ASP B 112 -3.50 4.83 2.07
CA ASP B 112 -2.45 4.68 1.07
C ASP B 112 -2.88 3.81 -0.09
N LEU B 113 -3.96 3.07 0.12
CA LEU B 113 -4.37 2.07 -0.85
C LEU B 113 -5.57 2.51 -1.64
N THR B 114 -5.68 1.98 -2.85
CA THR B 114 -6.86 2.20 -3.68
C THR B 114 -8.00 1.39 -3.10
N ALA B 115 -9.23 1.70 -3.52
CA ALA B 115 -10.39 0.94 -3.08
C ALA B 115 -10.26 -0.48 -3.55
N GLU B 116 -9.81 -0.65 -4.79
CA GLU B 116 -9.61 -1.98 -5.35
C GLU B 116 -8.59 -2.81 -4.55
N ALA B 117 -7.55 -2.15 -4.03
CA ALA B 117 -6.57 -2.83 -3.19
C ALA B 117 -7.18 -3.27 -1.86
N VAL B 118 -7.96 -2.36 -1.26
CA VAL B 118 -8.59 -2.64 0.01
C VAL B 118 -9.58 -3.79 -0.16
N ALA B 119 -10.29 -3.78 -1.28
CA ALA B 119 -11.25 -4.83 -1.61
C ALA B 119 -10.59 -6.21 -1.71
N ARG B 120 -9.47 -6.28 -2.44
CA ARG B 120 -8.74 -7.53 -2.60
C ARG B 120 -8.22 -8.05 -1.28
N LEU B 121 -7.76 -7.17 -0.41
CA LEU B 121 -7.20 -7.62 0.86
C LEU B 121 -8.27 -8.15 1.83
N THR B 122 -9.46 -7.57 1.74
CA THR B 122 -10.51 -7.80 2.73
C THR B 122 -11.62 -8.72 2.22
N GLY B 123 -11.66 -8.97 0.93
CA GLY B 123 -12.73 -9.79 0.36
C GLY B 123 -14.02 -9.02 0.14
N LEU B 124 -13.96 -7.68 0.17
CA LEU B 124 -15.12 -6.83 -0.05
C LEU B 124 -15.30 -6.42 -1.52
N SER B 125 -16.48 -5.89 -1.86
CA SER B 125 -16.69 -5.31 -3.18
C SER B 125 -16.06 -3.92 -3.19
N ARG B 126 -15.90 -3.35 -4.38
CA ARG B 126 -15.28 -2.06 -4.54
C ARG B 126 -16.04 -1.00 -3.75
N GLU B 127 -17.36 -1.12 -3.74
CA GLU B 127 -18.19 -0.17 -2.99
C GLU B 127 -18.03 -0.30 -1.48
N ALA B 128 -18.08 -1.52 -0.97
CA ALA B 128 -17.85 -1.73 0.46
C ALA B 128 -16.46 -1.21 0.84
N ALA B 129 -15.52 -1.32 -0.07
CA ALA B 129 -14.15 -0.85 0.19
C ALA B 129 -14.08 0.68 0.21
N ARG B 130 -14.84 1.33 -0.66
CA ARG B 130 -14.91 2.78 -0.62
C ARG B 130 -15.34 3.23 0.76
N ARG B 131 -16.34 2.55 1.30
CA ARG B 131 -16.94 2.95 2.57
C ARG B 131 -15.99 2.70 3.74
N ALA B 132 -15.16 1.66 3.62
CA ALA B 132 -14.16 1.35 4.64
C ALA B 132 -13.02 2.37 4.60
N LYS B 133 -12.88 3.04 3.47
CA LYS B 133 -11.84 4.04 3.27
C LYS B 133 -12.28 5.42 3.74
N ALA B 134 -13.59 5.60 3.90
CA ALA B 134 -14.13 6.88 4.36
C ALA B 134 -13.94 7.05 5.85
N ARG B 135 -12.69 7.13 6.28
CA ARG B 135 -12.40 7.16 7.70
C ARG B 135 -12.32 8.60 8.21
N GLU B 136 -12.80 8.81 9.44
CA GLU B 136 -12.90 10.14 10.03
C GLU B 136 -11.96 10.32 11.22
N TYR B 137 -11.57 9.22 11.85
CA TYR B 137 -10.80 9.27 13.09
C TYR B 137 -9.65 8.24 13.10
N ASP B 138 -9.99 7.01 12.73
CA ASP B 138 -9.13 5.85 12.94
C ASP B 138 -8.53 5.33 11.63
N GLU B 139 -7.30 4.86 11.68
CA GLU B 139 -6.69 4.29 10.50
C GLU B 139 -6.51 2.78 10.61
N THR B 140 -6.95 2.07 9.58
CA THR B 140 -6.64 0.66 9.47
C THR B 140 -5.26 0.45 8.83
N LEU B 141 -4.42 -0.38 9.44
CA LEU B 141 -3.05 -0.59 8.98
C LEU B 141 -2.85 -1.96 8.33
N VAL B 142 -1.96 -2.02 7.36
CA VAL B 142 -1.57 -3.29 6.75
C VAL B 142 -0.12 -3.60 7.05
N LEU B 143 0.12 -4.31 8.15
CA LEU B 143 1.44 -4.59 8.62
C LEU B 143 1.70 -6.05 8.36
N CYS B 144 2.90 -6.38 7.87
CA CYS B 144 3.29 -7.78 7.87
C CYS B 144 3.69 -8.09 9.31
N PRO B 145 3.43 -9.31 9.77
CA PRO B 145 3.79 -9.76 11.13
C PRO B 145 5.22 -9.36 11.55
N GLU B 146 6.16 -9.55 10.64
CA GLU B 146 7.56 -9.32 10.93
C GLU B 146 7.86 -7.89 11.39
N GLU B 147 7.13 -6.92 10.88
CA GLU B 147 7.38 -5.51 11.19
C GLU B 147 6.56 -4.96 12.39
N VAL B 148 5.70 -5.78 12.98
CA VAL B 148 4.75 -5.32 14.00
C VAL B 148 5.35 -4.70 15.28
N GLU B 149 6.28 -5.41 15.94
CA GLU B 149 6.91 -4.87 17.15
C GLU B 149 7.54 -3.52 16.88
N ALA B 150 8.39 -3.48 15.85
CA ALA B 150 9.03 -2.25 15.42
C ALA B 150 8.01 -1.13 15.16
N VAL B 151 6.89 -1.47 14.54
CA VAL B 151 5.90 -0.47 14.16
C VAL B 151 5.10 0.03 15.37
N LEU B 152 4.74 -0.89 16.28
CA LEU B 152 3.96 -0.49 17.44
C LEU B 152 4.78 0.44 18.37
N GLU B 153 6.06 0.16 18.52
CA GLU B 153 6.91 1.06 19.29
C GLU B 153 6.97 2.42 18.59
N ALA B 154 7.05 2.38 17.26
CA ALA B 154 7.15 3.62 16.51
C ALA B 154 5.88 4.47 16.66
N LEU B 155 4.73 3.80 16.75
CA LEU B 155 3.47 4.50 17.01
C LEU B 155 3.45 5.13 18.39
N GLU B 156 3.92 4.40 19.39
CA GLU B 156 3.94 4.93 20.74
C GLU B 156 4.89 6.10 20.87
N ALA B 157 6.02 6.03 20.17
CA ALA B 157 7.02 7.10 20.16
C ALA B 157 6.49 8.44 19.65
N VAL B 158 5.60 8.40 18.65
CA VAL B 158 5.07 9.62 18.08
C VAL B 158 3.68 9.93 18.60
N GLY B 159 3.29 9.27 19.68
CA GLY B 159 2.07 9.58 20.39
C GLY B 159 0.76 9.02 19.85
N LEU B 160 0.82 7.98 19.01
CA LEU B 160 -0.40 7.36 18.52
C LEU B 160 -0.79 6.19 19.41
N GLU B 161 -2.08 5.88 19.46
CA GLU B 161 -2.55 4.68 20.16
C GLU B 161 -2.85 3.58 19.14
N TRP B 162 -2.66 2.33 19.56
CA TRP B 162 -2.93 1.21 18.66
C TRP B 162 -3.83 0.15 19.28
N THR B 163 -4.58 -0.52 18.42
CA THR B 163 -5.30 -1.71 18.83
C THR B 163 -5.46 -2.60 17.60
N HIS B 164 -6.18 -3.70 17.72
CA HIS B 164 -6.52 -4.49 16.54
C HIS B 164 -7.83 -5.27 16.69
N GLY B 165 -8.43 -5.61 15.54
CA GLY B 165 -9.72 -6.26 15.47
C GLY B 165 -9.57 -7.74 15.22
N GLY B 166 -8.34 -8.19 15.00
CA GLY B 166 -8.09 -9.62 14.87
C GLY B 166 -7.35 -9.95 13.58
N ARG B 167 -7.50 -9.10 12.59
CA ARG B 167 -6.71 -9.22 11.38
C ARG B 167 -5.76 -8.04 11.32
N PHE B 168 -6.30 -6.87 11.05
CA PHE B 168 -5.51 -5.65 10.87
C PHE B 168 -5.43 -4.81 12.13
N TYR B 169 -4.27 -4.20 12.33
CA TYR B 169 -4.05 -3.19 13.35
C TYR B 169 -4.69 -1.82 13.00
N HIS B 170 -4.97 -1.05 14.04
CA HIS B 170 -5.59 0.28 13.91
C HIS B 170 -4.78 1.28 14.71
N ALA B 171 -4.70 2.50 14.20
CA ALA B 171 -3.99 3.59 14.85
C ALA B 171 -4.91 4.79 14.97
N ALA B 172 -4.92 5.39 16.16
CA ALA B 172 -5.78 6.51 16.44
C ALA B 172 -5.23 7.27 17.65
N LYS B 173 -5.97 8.28 18.08
CA LYS B 173 -5.65 8.95 19.33
C LYS B 173 -6.94 9.42 19.96
N GLY B 174 -7.24 8.91 21.15
CA GLY B 174 -8.44 9.30 21.84
C GLY B 174 -9.66 8.45 21.47
N ALA B 175 -9.48 7.40 20.66
CA ALA B 175 -10.55 6.49 20.27
C ALA B 175 -10.54 5.25 21.15
N ASP B 176 -11.59 5.10 21.94
CA ASP B 176 -11.69 4.07 22.94
C ASP B 176 -13.17 3.71 23.07
N LYS B 177 -13.48 2.43 22.95
CA LYS B 177 -14.89 2.03 23.00
C LYS B 177 -15.57 2.31 24.34
N GLY B 178 -14.86 2.04 25.43
CA GLY B 178 -15.40 2.33 26.74
C GLY B 178 -15.75 3.79 26.85
N ARG B 179 -14.79 4.62 26.47
CA ARG B 179 -14.96 6.07 26.58
C ARG B 179 -16.20 6.56 25.83
N ALA B 180 -16.37 6.09 24.60
CA ALA B 180 -17.53 6.44 23.80
C ALA B 180 -18.82 5.86 24.38
N VAL B 181 -18.75 4.65 24.88
CA VAL B 181 -19.89 4.02 25.55
C VAL B 181 -20.29 4.78 26.80
N ALA B 182 -19.29 5.24 27.55
CA ALA B 182 -19.51 5.99 28.77
C ALA B 182 -20.11 7.35 28.46
N ARG B 183 -19.71 7.93 27.34
CA ARG B 183 -20.18 9.27 27.02
C ARG B 183 -21.64 9.22 26.66
N LEU B 184 -22.02 8.16 25.94
CA LEU B 184 -23.37 8.02 25.44
C LEU B 184 -24.37 7.70 26.54
N ARG B 185 -23.92 6.99 27.57
CA ARG B 185 -24.78 6.73 28.71
C ARG B 185 -25.06 8.04 29.39
N ALA B 186 -24.02 8.87 29.48
CA ALA B 186 -24.16 10.15 30.13
C ALA B 186 -25.02 11.13 29.33
N LEU B 187 -25.19 10.85 28.03
CA LEU B 187 -26.05 11.68 27.17
C LEU B 187 -27.43 11.05 26.99
N TRP B 188 -27.73 9.99 27.74
CA TRP B 188 -28.95 9.23 27.54
C TRP B 188 -30.20 9.91 28.13
N PRO B 189 -31.28 9.99 27.33
CA PRO B 189 -32.54 10.62 27.77
C PRO B 189 -33.05 10.03 29.07
N ASP B 190 -32.98 8.71 29.22
CA ASP B 190 -33.49 8.03 30.41
C ASP B 190 -32.38 7.38 31.25
N PRO B 191 -32.01 8.02 32.37
CA PRO B 191 -30.90 7.59 33.23
C PRO B 191 -31.15 6.25 33.91
N GLU B 192 -32.41 5.85 34.02
CA GLU B 192 -32.75 4.54 34.55
C GLU B 192 -32.54 3.47 33.48
N GLU B 193 -32.80 3.83 32.22
CA GLU B 193 -32.64 2.87 31.14
C GLU B 193 -31.16 2.63 30.90
N ALA B 194 -30.37 3.67 31.15
CA ALA B 194 -28.92 3.57 30.93
C ALA B 194 -28.19 3.07 32.16
N ARG B 195 -28.93 2.91 33.25
CA ARG B 195 -28.34 2.52 34.53
C ARG B 195 -27.62 1.17 34.39
N PHE B 196 -28.19 0.29 33.58
CA PHE B 196 -27.65 -1.05 33.41
C PHE B 196 -27.28 -1.33 31.95
N ALA B 197 -25.99 -1.22 31.66
CA ALA B 197 -25.52 -1.44 30.30
C ALA B 197 -24.95 -2.84 30.12
N VAL B 198 -25.23 -3.42 28.98
CA VAL B 198 -24.73 -4.73 28.61
C VAL B 198 -23.71 -4.53 27.52
N GLY B 199 -22.66 -5.34 27.50
CA GLY B 199 -21.61 -5.22 26.49
C GLY B 199 -21.22 -6.55 25.89
N LEU B 200 -21.24 -6.62 24.55
CA LEU B 200 -20.92 -7.85 23.83
C LEU B 200 -19.88 -7.58 22.75
N GLY B 201 -18.84 -8.39 22.71
CA GLY B 201 -17.79 -8.19 21.73
C GLY B 201 -17.02 -9.45 21.41
N ASP B 202 -15.91 -9.31 20.70
CA ASP B 202 -15.21 -10.48 20.19
C ASP B 202 -13.68 -10.41 20.09
N SER B 203 -13.08 -9.23 19.92
CA SER B 203 -11.61 -9.15 19.86
C SER B 203 -10.96 -8.24 20.93
N LEU B 204 -9.68 -7.94 20.72
CA LEU B 204 -8.89 -7.13 21.65
C LEU B 204 -9.52 -5.75 21.82
N ASN B 205 -10.00 -5.18 20.73
CA ASN B 205 -10.56 -3.85 20.76
C ASN B 205 -11.94 -3.90 21.39
N ASP B 206 -12.19 -4.95 22.15
CA ASP B 206 -13.47 -5.06 22.85
C ASP B 206 -13.32 -4.97 24.36
N LEU B 207 -12.13 -5.23 24.87
CA LEU B 207 -11.90 -5.10 26.29
C LEU B 207 -12.36 -3.75 26.84
N PRO B 208 -12.10 -2.66 26.09
CA PRO B 208 -12.52 -1.38 26.66
C PRO B 208 -14.04 -1.27 26.79
N LEU B 209 -14.76 -1.91 25.89
CA LEU B 209 -16.23 -1.97 25.97
C LEU B 209 -16.68 -2.82 27.16
N PHE B 210 -16.07 -3.99 27.30
CA PHE B 210 -16.35 -4.86 28.43
C PHE B 210 -16.18 -4.15 29.76
N ARG B 211 -15.17 -3.28 29.84
CA ARG B 211 -14.87 -2.62 31.12
C ARG B 211 -15.82 -1.46 31.42
N ALA B 212 -16.56 -1.01 30.42
CA ALA B 212 -17.40 0.16 30.59
C ALA B 212 -18.86 -0.24 30.72
N VAL B 213 -19.12 -1.54 30.76
CA VAL B 213 -20.48 -2.05 30.91
C VAL B 213 -20.68 -2.76 32.25
N ASP B 214 -21.91 -3.16 32.55
CA ASP B 214 -22.16 -3.81 33.83
C ASP B 214 -22.25 -5.32 33.65
N LEU B 215 -22.69 -5.73 32.46
CA LEU B 215 -22.69 -7.13 32.09
C LEU B 215 -21.91 -7.33 30.78
N ALA B 216 -20.78 -8.02 30.88
CA ALA B 216 -19.89 -8.23 29.74
C ALA B 216 -19.95 -9.67 29.24
N VAL B 217 -20.13 -9.81 27.93
CA VAL B 217 -20.21 -11.12 27.30
C VAL B 217 -19.28 -11.22 26.07
N TYR B 218 -18.40 -12.20 26.10
CA TYR B 218 -17.49 -12.49 25.00
C TYR B 218 -17.99 -13.63 24.10
N VAL B 219 -18.24 -13.33 22.83
CA VAL B 219 -18.69 -14.35 21.86
C VAL B 219 -17.63 -14.61 20.79
N GLY B 220 -16.37 -14.46 21.16
CA GLY B 220 -15.25 -14.75 20.27
C GLY B 220 -14.79 -16.20 20.34
N ARG B 221 -13.69 -16.50 19.64
CA ARG B 221 -13.25 -17.88 19.49
C ARG B 221 -12.34 -18.42 20.60
N GLY B 222 -11.59 -17.54 21.26
CA GLY B 222 -10.68 -17.97 22.30
C GLY B 222 -11.30 -18.18 23.68
N ASP B 223 -10.46 -18.06 24.70
CA ASP B 223 -10.90 -18.00 26.08
C ASP B 223 -11.36 -16.54 26.34
N PRO B 224 -12.43 -16.36 27.12
CA PRO B 224 -12.88 -14.99 27.36
C PRO B 224 -11.82 -14.21 28.14
N PRO B 225 -11.73 -12.87 27.92
CA PRO B 225 -10.86 -12.03 28.75
C PRO B 225 -11.27 -12.21 30.20
N GLU B 226 -10.37 -11.96 31.14
CA GLU B 226 -10.67 -12.21 32.55
C GLU B 226 -12.05 -11.70 32.98
N GLY B 227 -12.79 -12.55 33.67
CA GLY B 227 -14.05 -12.17 34.29
C GLY B 227 -15.07 -11.60 33.32
N VAL B 228 -15.11 -12.17 32.12
CA VAL B 228 -16.16 -11.88 31.16
C VAL B 228 -16.82 -13.20 30.80
N LEU B 229 -18.14 -13.18 30.60
CA LEU B 229 -18.89 -14.39 30.30
C LEU B 229 -18.64 -14.91 28.89
N ALA B 230 -18.71 -16.23 28.74
CA ALA B 230 -18.63 -16.86 27.42
C ALA B 230 -19.94 -17.55 27.02
N THR B 231 -20.07 -17.81 25.72
CA THR B 231 -21.20 -18.55 25.16
C THR B 231 -20.69 -19.81 24.47
N PRO B 232 -21.59 -20.77 24.20
CA PRO B 232 -21.21 -22.09 23.65
C PRO B 232 -20.72 -22.04 22.20
N ALA B 233 -21.19 -21.06 21.45
CA ALA B 233 -20.74 -20.90 20.07
C ALA B 233 -20.44 -19.44 19.80
N PRO B 234 -19.44 -19.18 18.94
CA PRO B 234 -19.06 -17.80 18.68
C PRO B 234 -20.14 -17.00 17.95
N GLY B 235 -19.90 -15.70 17.80
CA GLY B 235 -20.67 -14.85 16.92
C GLY B 235 -22.14 -14.70 17.25
N PRO B 236 -22.96 -14.48 16.22
CA PRO B 236 -24.38 -14.18 16.35
C PRO B 236 -25.13 -15.26 17.11
N GLU B 237 -24.71 -16.50 16.97
CA GLU B 237 -25.32 -17.58 17.73
C GLU B 237 -24.95 -17.42 19.21
N GLY B 238 -23.73 -16.96 19.47
CA GLY B 238 -23.36 -16.60 20.82
C GLY B 238 -24.23 -15.45 21.27
N PHE B 239 -24.40 -14.48 20.38
CA PHE B 239 -25.25 -13.33 20.66
C PHE B 239 -26.67 -13.75 21.05
N ARG B 240 -27.28 -14.58 20.21
CA ARG B 240 -28.62 -15.12 20.46
C ARG B 240 -28.71 -15.77 21.84
N TYR B 241 -27.79 -16.69 22.10
CA TYR B 241 -27.69 -17.36 23.41
C TYR B 241 -27.61 -16.37 24.55
N ALA B 242 -26.70 -15.41 24.43
CA ALA B 242 -26.52 -14.40 25.45
C ALA B 242 -27.86 -13.76 25.80
N VAL B 243 -28.65 -13.45 24.78
CA VAL B 243 -29.91 -12.76 25.01
C VAL B 243 -30.88 -13.69 25.71
N GLU B 244 -31.04 -14.88 25.16
CA GLU B 244 -31.96 -15.84 25.73
C GLU B 244 -31.63 -16.11 27.21
N ARG B 245 -30.36 -16.35 27.49
CA ARG B 245 -29.95 -16.88 28.79
C ARG B 245 -29.55 -15.83 29.81
N TYR B 246 -28.93 -14.75 29.34
CA TYR B 246 -28.40 -13.72 30.24
C TYR B 246 -29.29 -12.50 30.32
N LEU B 247 -29.97 -12.17 29.23
CA LEU B 247 -30.70 -10.92 29.12
C LEU B 247 -32.17 -10.99 29.55
N LEU B 248 -33.01 -11.64 28.74
CA LEU B 248 -34.44 -11.71 29.01
C LEU B 248 -34.79 -12.11 30.45
N PRO B 249 -33.99 -13.01 31.06
CA PRO B 249 -34.33 -13.28 32.46
C PRO B 249 -34.25 -11.98 33.26
N ARG B 250 -33.07 -11.37 33.33
CA ARG B 250 -32.93 -10.05 33.94
C ARG B 250 -34.10 -9.14 33.56
N LEU B 251 -34.55 -9.27 32.32
CA LEU B 251 -35.41 -8.26 31.69
C LEU B 251 -36.77 -8.17 32.34
N SER B 252 -37.19 -9.11 32.99
#